data_4Q25
#
_entry.id   4Q25
#
_cell.length_a   70.483
_cell.length_b   70.483
_cell.length_c   196.203
_cell.angle_alpha   90.00
_cell.angle_beta   90.00
_cell.angle_gamma   90.00
#
_symmetry.space_group_name_H-M   'P 41 21 2'
#
loop_
_entity.id
_entity.type
_entity.pdbx_description
1 polymer 'Phosphate-specific transport system accessory protein PhoU homolog'
2 water water
#
_entity_poly.entity_id   1
_entity_poly.type   'polypeptide(L)'
_entity_poly.pdbx_seq_one_letter_code
;MINKDSLTHHISQQFNAELEDVRSHLLAMGGLVEKQVNDAVNALIDADSGLAQQVREIDDQINQMERNIDEECVRILARR
QPAASDLRLIISISKSVIDLERIGDEASKVARRAIQLCEEGESPRGYVEVRHIGSQVQKMVQEALDAFARFDADLALSVA
QYDKTVDREYKTALRELVTYMMEDPRAISRVLNIIWALRSLERIGDHARNIAELVIYLVRGTDVRHIGLTRMKEEVENNR
GELEHHHHHH
;
_entity_poly.pdbx_strand_id   A,B
#
# COMPACT_ATOMS: atom_id res chain seq x y z
N SER A 12 0.47 36.44 7.60
CA SER A 12 0.17 35.76 6.35
C SER A 12 0.98 36.31 5.22
N GLN A 13 0.77 35.73 4.06
CA GLN A 13 0.70 36.46 2.83
C GLN A 13 2.13 36.80 2.55
N GLN A 14 3.00 36.23 3.37
CA GLN A 14 3.99 35.25 2.96
C GLN A 14 3.78 33.82 3.46
N PHE A 15 2.66 33.54 4.11
CA PHE A 15 2.32 32.17 4.45
C PHE A 15 2.01 31.47 3.18
N ASN A 16 1.61 32.26 2.23
CA ASN A 16 1.22 31.70 0.93
C ASN A 16 2.40 31.53 -0.02
N ALA A 17 3.57 32.05 0.37
CA ALA A 17 4.80 31.72 -0.33
C ALA A 17 5.16 30.31 0.09
N GLU A 18 5.33 30.10 1.39
CA GLU A 18 5.77 28.81 1.89
C GLU A 18 4.77 27.70 1.51
N LEU A 19 3.52 28.06 1.36
CA LEU A 19 2.53 27.20 0.79
C LEU A 19 2.70 26.83 -0.67
N GLU A 20 3.16 27.75 -1.49
CA GLU A 20 3.44 27.43 -2.88
C GLU A 20 4.70 26.57 -2.94
N ASP A 21 5.67 26.85 -2.08
CA ASP A 21 6.89 26.05 -1.99
C ASP A 21 6.65 24.56 -1.71
N VAL A 22 5.71 24.26 -0.82
CA VAL A 22 5.37 22.89 -0.49
C VAL A 22 4.50 22.28 -1.60
N ARG A 23 3.74 23.10 -2.29
CA ARG A 23 3.00 22.62 -3.44
C ARG A 23 3.98 22.19 -4.53
N SER A 24 5.02 23.00 -4.75
CA SER A 24 5.95 22.76 -5.83
C SER A 24 6.89 21.60 -5.48
N HIS A 25 7.11 21.39 -4.19
CA HIS A 25 7.87 20.23 -3.73
C HIS A 25 7.10 18.93 -3.97
N LEU A 26 5.80 18.93 -3.72
CA LEU A 26 4.91 17.84 -4.09
C LEU A 26 5.06 17.53 -5.59
N LEU A 27 4.89 18.55 -6.41
CA LEU A 27 4.95 18.37 -7.83
C LEU A 27 6.29 17.79 -8.22
N ALA A 28 7.37 18.34 -7.68
CA ALA A 28 8.71 17.80 -7.98
C ALA A 28 8.81 16.32 -7.56
N MET A 29 8.24 15.95 -6.41
CA MET A 29 8.25 14.55 -5.99
C MET A 29 7.49 13.73 -7.01
N GLY A 30 6.30 14.19 -7.39
CA GLY A 30 5.46 13.48 -8.33
C GLY A 30 6.17 13.25 -9.65
N GLY A 31 6.96 14.23 -10.08
CA GLY A 31 7.69 14.17 -11.33
C GLY A 31 8.72 13.08 -11.24
N LEU A 32 9.47 13.04 -10.13
CA LEU A 32 10.48 11.99 -9.91
C LEU A 32 9.90 10.59 -9.88
N VAL A 33 8.72 10.48 -9.30
CA VAL A 33 8.03 9.19 -9.16
C VAL A 33 7.46 8.70 -10.51
N GLU A 34 6.97 9.65 -11.29
CA GLU A 34 6.41 9.38 -12.58
C GLU A 34 7.51 8.88 -13.52
N LYS A 35 8.69 9.45 -13.40
CA LYS A 35 9.83 9.00 -14.14
C LYS A 35 10.29 7.61 -13.68
N GLN A 36 10.13 7.30 -12.40
CA GLN A 36 10.37 5.96 -11.93
C GLN A 36 9.39 4.95 -12.60
N VAL A 37 8.13 5.32 -12.73
CA VAL A 37 7.16 4.44 -13.35
C VAL A 37 7.55 4.18 -14.80
N ASN A 38 7.80 5.26 -15.54
CA ASN A 38 8.29 5.19 -16.92
C ASN A 38 9.49 4.25 -17.07
N ASP A 39 10.53 4.46 -16.27
CA ASP A 39 11.74 3.67 -16.35
C ASP A 39 11.52 2.22 -15.96
N ALA A 40 10.70 1.97 -14.96
CA ALA A 40 10.44 0.60 -14.55
C ALA A 40 9.75 -0.18 -15.66
N VAL A 41 8.70 0.38 -16.22
CA VAL A 41 8.01 -0.28 -17.29
C VAL A 41 8.99 -0.55 -18.45
N ASN A 42 9.76 0.47 -18.87
CA ASN A 42 10.71 0.29 -19.97
C ASN A 42 11.74 -0.79 -19.62
N ALA A 43 12.15 -0.82 -18.35
CA ALA A 43 13.11 -1.82 -17.89
C ALA A 43 12.58 -3.21 -18.07
N LEU A 44 11.32 -3.43 -17.69
CA LEU A 44 10.76 -4.78 -17.80
C LEU A 44 10.69 -5.17 -19.27
N ILE A 45 10.09 -4.29 -20.08
CA ILE A 45 9.84 -4.57 -21.47
C ILE A 45 11.14 -4.78 -22.23
N ASP A 46 12.14 -3.95 -21.93
CA ASP A 46 13.41 -3.97 -22.63
C ASP A 46 14.42 -4.90 -22.03
N ALA A 47 13.99 -5.70 -21.05
CA ALA A 47 14.91 -6.59 -20.35
C ALA A 47 16.22 -5.90 -20.02
N ASP A 48 16.09 -4.74 -19.34
CA ASP A 48 17.22 -3.82 -19.11
C ASP A 48 17.53 -3.71 -17.59
N SER A 49 18.50 -4.51 -17.15
CA SER A 49 18.87 -4.61 -15.76
C SER A 49 19.46 -3.37 -15.19
N GLY A 50 20.28 -2.70 -15.98
CA GLY A 50 20.88 -1.45 -15.56
C GLY A 50 19.82 -0.41 -15.27
N LEU A 51 18.85 -0.29 -16.17
CA LEU A 51 17.79 0.70 -15.99
C LEU A 51 16.97 0.30 -14.77
N ALA A 52 16.72 -0.99 -14.60
CA ALA A 52 15.92 -1.45 -13.48
C ALA A 52 16.61 -1.13 -12.15
N GLN A 53 17.90 -1.41 -12.04
CA GLN A 53 18.63 -1.02 -10.83
C GLN A 53 18.62 0.50 -10.57
N GLN A 54 18.71 1.29 -11.63
CA GLN A 54 18.68 2.74 -11.48
C GLN A 54 17.39 3.21 -10.80
N VAL A 55 16.28 2.52 -11.10
CA VAL A 55 15.00 2.82 -10.52
C VAL A 55 14.96 2.52 -9.02
N ARG A 56 15.53 1.43 -8.59
CA ARG A 56 15.55 1.13 -7.19
C ARG A 56 16.36 2.14 -6.40
N GLU A 57 17.48 2.56 -6.95
CA GLU A 57 18.35 3.51 -6.30
C GLU A 57 17.77 4.93 -6.17
N ILE A 58 16.67 5.21 -6.83
CA ILE A 58 16.03 6.52 -6.72
C ILE A 58 15.08 6.46 -5.51
N ASP A 59 14.68 5.24 -5.15
CA ASP A 59 13.58 5.07 -4.22
C ASP A 59 13.93 5.65 -2.86
N ASP A 60 15.21 5.72 -2.54
CA ASP A 60 15.65 6.35 -1.30
C ASP A 60 15.41 7.86 -1.32
N GLN A 61 15.76 8.50 -2.42
CA GLN A 61 15.55 9.94 -2.57
C GLN A 61 14.07 10.29 -2.44
N ILE A 62 13.23 9.43 -2.99
CA ILE A 62 11.79 9.59 -2.93
C ILE A 62 11.26 9.51 -1.50
N ASN A 63 11.76 8.55 -0.73
CA ASN A 63 11.40 8.42 0.66
C ASN A 63 11.84 9.65 1.47
N GLN A 64 13.03 10.17 1.15
CA GLN A 64 13.54 11.34 1.84
C GLN A 64 12.79 12.61 1.39
N MET A 65 12.32 12.65 0.14
CA MET A 65 11.44 13.76 -0.26
C MET A 65 10.14 13.73 0.52
N GLU A 66 9.60 12.56 0.74
CA GLU A 66 8.33 12.46 1.44
C GLU A 66 8.45 12.95 2.88
N ARG A 67 9.56 12.59 3.52
CA ARG A 67 9.87 13.05 4.88
C ARG A 67 10.03 14.55 4.93
N ASN A 68 10.74 15.10 3.95
CA ASN A 68 10.95 16.55 3.89
C ASN A 68 9.65 17.33 3.70
N ILE A 69 8.74 16.77 2.93
CA ILE A 69 7.46 17.44 2.68
C ILE A 69 6.58 17.32 3.92
N ASP A 70 6.63 16.20 4.63
CA ASP A 70 5.80 16.02 5.82
C ASP A 70 6.18 17.02 6.87
N GLU A 71 7.47 17.20 7.09
CA GLU A 71 7.95 18.16 8.10
C GLU A 71 7.59 19.59 7.71
N GLU A 72 7.66 19.85 6.43
CA GLU A 72 7.25 21.14 5.89
C GLU A 72 5.79 21.44 6.18
N CYS A 73 4.93 20.43 6.00
CA CYS A 73 3.50 20.58 6.32
C CYS A 73 3.30 20.82 7.79
N VAL A 74 4.19 20.26 8.59
CA VAL A 74 4.15 20.45 10.01
C VAL A 74 4.49 21.89 10.37
N ARG A 75 5.54 22.42 9.81
CA ARG A 75 5.94 23.76 10.14
C ARG A 75 4.90 24.77 9.73
N ILE A 76 4.37 24.58 8.54
CA ILE A 76 3.40 25.49 8.06
C ILE A 76 2.21 25.47 8.97
N LEU A 77 1.75 24.31 9.36
CA LEU A 77 0.57 24.24 10.18
C LEU A 77 0.81 24.84 11.55
N ALA A 78 2.00 24.64 12.06
CA ALA A 78 2.35 25.07 13.37
C ALA A 78 2.19 26.54 13.43
N ARG A 79 2.47 27.28 12.37
CA ARG A 79 2.25 28.73 12.40
C ARG A 79 0.81 29.08 12.14
N ARG A 80 -0.01 28.87 13.16
CA ARG A 80 -1.21 29.64 13.42
C ARG A 80 -2.23 28.96 12.53
N GLN A 81 -3.49 29.05 12.84
CA GLN A 81 -4.43 28.23 12.14
C GLN A 81 -4.67 28.68 10.71
N PRO A 82 -4.70 27.71 9.80
CA PRO A 82 -4.99 27.90 8.39
C PRO A 82 -6.49 28.06 8.21
N ALA A 83 -6.87 28.77 7.18
CA ALA A 83 -8.25 28.88 6.78
C ALA A 83 -8.65 27.57 6.20
N ALA A 84 -9.93 27.36 6.00
CA ALA A 84 -10.47 26.06 5.62
C ALA A 84 -9.92 25.52 4.33
N SER A 85 -9.77 26.36 3.33
CA SER A 85 -9.26 25.94 2.04
C SER A 85 -7.79 25.58 2.12
N ASP A 86 -7.03 26.34 2.87
CA ASP A 86 -5.63 26.02 3.07
C ASP A 86 -5.47 24.75 3.84
N LEU A 87 -6.33 24.53 4.79
CA LEU A 87 -6.21 23.32 5.53
C LEU A 87 -6.45 22.19 4.58
N ARG A 88 -7.40 22.33 3.69
CA ARG A 88 -7.67 21.26 2.77
C ARG A 88 -6.42 20.98 1.94
N LEU A 89 -5.69 22.01 1.58
CA LEU A 89 -4.51 21.87 0.74
C LEU A 89 -3.35 21.14 1.43
N ILE A 90 -3.00 21.56 2.64
CA ILE A 90 -2.00 20.87 3.45
C ILE A 90 -2.38 19.41 3.66
N ILE A 91 -3.65 19.15 3.95
CA ILE A 91 -4.11 17.80 4.14
C ILE A 91 -4.01 16.97 2.86
N SER A 92 -4.31 17.58 1.73
CA SER A 92 -4.22 16.92 0.45
C SER A 92 -2.77 16.64 0.12
N ILE A 93 -1.88 17.52 0.55
CA ILE A 93 -0.47 17.31 0.29
C ILE A 93 0.06 16.14 1.13
N SER A 94 -0.21 16.17 2.43
CA SER A 94 0.40 15.17 3.29
C SER A 94 -0.14 13.78 2.98
N LYS A 95 -1.39 13.65 2.60
CA LYS A 95 -1.90 12.35 2.22
C LYS A 95 -1.39 11.92 0.86
N SER A 96 -1.13 12.88 -0.01
CA SER A 96 -0.74 12.55 -1.36
C SER A 96 0.74 12.15 -1.45
N VAL A 97 1.61 12.65 -0.57
CA VAL A 97 3.00 12.14 -0.58
C VAL A 97 3.08 10.65 -0.20
N ILE A 98 2.11 10.16 0.55
CA ILE A 98 2.01 8.75 0.86
C ILE A 98 1.70 7.99 -0.43
N ASP A 99 0.72 8.48 -1.19
CA ASP A 99 0.41 7.90 -2.50
C ASP A 99 1.59 7.91 -3.47
N LEU A 100 2.34 9.02 -3.50
CA LEU A 100 3.51 9.10 -4.35
C LEU A 100 4.59 8.15 -3.91
N GLU A 101 4.74 8.01 -2.60
CA GLU A 101 5.71 7.09 -2.08
C GLU A 101 5.33 5.65 -2.47
N ARG A 102 4.07 5.29 -2.30
CA ARG A 102 3.62 3.95 -2.64
C ARG A 102 3.72 3.68 -4.14
N ILE A 103 3.52 4.71 -4.97
CA ILE A 103 3.72 4.57 -6.40
C ILE A 103 5.19 4.26 -6.72
N GLY A 104 6.11 4.97 -6.06
CA GLY A 104 7.55 4.77 -6.22
C GLY A 104 7.99 3.39 -5.75
N ASP A 105 7.43 2.94 -4.63
CA ASP A 105 7.72 1.61 -4.17
C ASP A 105 7.21 0.52 -5.16
N GLU A 106 6.00 0.69 -5.72
CA GLU A 106 5.50 -0.27 -6.68
C GLU A 106 6.37 -0.26 -7.96
N ALA A 107 6.80 0.92 -8.39
CA ALA A 107 7.66 1.05 -9.54
C ALA A 107 8.88 0.20 -9.31
N SER A 108 9.37 0.25 -8.09
CA SER A 108 10.61 -0.38 -7.73
C SER A 108 10.43 -1.91 -7.69
N LYS A 109 9.26 -2.38 -7.28
CA LYS A 109 8.91 -3.80 -7.45
C LYS A 109 8.86 -4.26 -8.91
N VAL A 110 8.33 -3.41 -9.80
CA VAL A 110 8.29 -3.68 -11.25
C VAL A 110 9.72 -3.85 -11.73
N ALA A 111 10.61 -2.96 -11.30
CA ALA A 111 12.01 -3.06 -11.66
C ALA A 111 12.64 -4.35 -11.15
N ARG A 112 12.24 -4.82 -9.98
CA ARG A 112 12.71 -6.15 -9.55
C ARG A 112 12.23 -7.27 -10.46
N ARG A 113 10.97 -7.21 -10.89
CA ARG A 113 10.46 -8.20 -11.82
C ARG A 113 11.24 -8.13 -13.10
N ALA A 114 11.60 -6.94 -13.54
CA ALA A 114 12.37 -6.76 -14.76
C ALA A 114 13.69 -7.53 -14.71
N ILE A 115 14.38 -7.42 -13.58
CA ILE A 115 15.67 -8.05 -13.37
C ILE A 115 15.47 -9.55 -13.35
N GLN A 116 14.46 -10.01 -12.64
CA GLN A 116 14.19 -11.40 -12.52
C GLN A 116 13.91 -12.06 -13.84
N LEU A 117 13.15 -11.41 -14.68
CA LEU A 117 12.87 -11.93 -16.00
C LEU A 117 14.13 -11.99 -16.87
N CYS A 118 15.08 -11.08 -16.63
CA CYS A 118 16.37 -11.16 -17.31
C CYS A 118 17.10 -12.44 -16.98
N GLU A 119 16.92 -12.90 -15.75
CA GLU A 119 17.59 -14.08 -15.27
C GLU A 119 16.88 -15.33 -15.70
N GLU A 120 15.58 -15.25 -15.88
CA GLU A 120 14.81 -16.43 -16.13
C GLU A 120 14.46 -16.65 -17.60
N GLY A 121 14.57 -15.62 -18.42
CA GLY A 121 14.06 -15.68 -19.78
C GLY A 121 12.72 -14.96 -19.89
N GLU A 122 12.40 -14.50 -21.07
CA GLU A 122 11.17 -13.79 -21.18
C GLU A 122 9.94 -14.69 -21.03
N SER A 123 8.87 -14.08 -20.53
CA SER A 123 7.58 -14.76 -20.41
C SER A 123 7.12 -14.99 -21.85
N PRO A 124 6.41 -16.09 -22.12
CA PRO A 124 5.83 -16.23 -23.46
C PRO A 124 4.55 -15.42 -23.60
N ARG A 125 4.07 -14.83 -22.49
CA ARG A 125 2.87 -14.01 -22.53
C ARG A 125 3.03 -12.79 -21.65
N GLY A 126 2.34 -11.69 -22.03
CA GLY A 126 2.06 -10.58 -21.11
C GLY A 126 2.71 -9.23 -21.37
N TYR A 127 3.63 -9.15 -22.30
CA TYR A 127 4.38 -7.92 -22.47
C TYR A 127 3.53 -6.78 -23.05
N VAL A 128 2.64 -7.11 -23.99
CA VAL A 128 1.80 -6.08 -24.58
C VAL A 128 0.88 -5.57 -23.50
N GLU A 129 0.40 -6.45 -22.65
CA GLU A 129 -0.47 -6.03 -21.53
C GLU A 129 0.25 -5.15 -20.48
N VAL A 130 1.47 -5.52 -20.13
CA VAL A 130 2.26 -4.72 -19.22
C VAL A 130 2.47 -3.31 -19.80
N ARG A 131 2.89 -3.24 -21.05
CA ARG A 131 3.11 -1.95 -21.69
C ARG A 131 1.84 -1.12 -21.75
N HIS A 132 0.73 -1.75 -22.08
CA HIS A 132 -0.54 -1.06 -22.20
C HIS A 132 -1.06 -0.51 -20.88
N ILE A 133 -1.11 -1.35 -19.86
CA ILE A 133 -1.55 -0.94 -18.53
C ILE A 133 -0.57 0.08 -17.93
N GLY A 134 0.72 -0.16 -18.15
CA GLY A 134 1.75 0.73 -17.62
C GLY A 134 1.67 2.14 -18.18
N SER A 135 1.36 2.26 -19.47
CA SER A 135 1.35 3.58 -20.09
C SER A 135 0.10 4.34 -19.65
N GLN A 136 -0.97 3.61 -19.45
CA GLN A 136 -2.20 4.20 -18.97
C GLN A 136 -2.06 4.73 -17.55
N VAL A 137 -1.53 3.89 -16.69
CA VAL A 137 -1.39 4.18 -15.27
C VAL A 137 -0.35 5.31 -15.05
N GLN A 138 0.66 5.37 -15.90
CA GLN A 138 1.58 6.48 -15.89
C GLN A 138 0.85 7.76 -16.27
N LYS A 139 -0.06 7.66 -17.25
CA LYS A 139 -0.88 8.80 -17.65
C LYS A 139 -1.76 9.28 -16.50
N MET A 140 -2.48 8.36 -15.89
CA MET A 140 -3.23 8.65 -14.67
C MET A 140 -2.41 9.40 -13.62
N VAL A 141 -1.14 9.07 -13.47
CA VAL A 141 -0.29 9.79 -12.53
C VAL A 141 -0.03 11.22 -12.98
N GLN A 142 0.44 11.42 -14.23
CA GLN A 142 0.61 12.76 -14.82
C GLN A 142 -0.65 13.61 -14.62
N GLU A 143 -1.81 13.02 -14.91
CA GLU A 143 -3.06 13.76 -14.92
C GLU A 143 -3.48 14.15 -13.51
N ALA A 144 -3.38 13.23 -12.57
CA ALA A 144 -3.64 13.56 -11.17
C ALA A 144 -2.73 14.70 -10.69
N LEU A 145 -1.45 14.68 -11.08
CA LEU A 145 -0.53 15.74 -10.71
C LEU A 145 -0.89 17.02 -11.42
N ASP A 146 -1.18 16.94 -12.72
CA ASP A 146 -1.62 18.12 -13.45
C ASP A 146 -2.91 18.69 -12.79
N ALA A 147 -3.78 17.81 -12.32
CA ALA A 147 -5.05 18.20 -11.73
C ALA A 147 -4.84 18.92 -10.41
N PHE A 148 -3.99 18.35 -9.56
CA PHE A 148 -3.55 19.02 -8.35
C PHE A 148 -2.92 20.41 -8.67
N ALA A 149 -2.05 20.45 -9.68
CA ALA A 149 -1.33 21.68 -10.01
C ALA A 149 -2.25 22.80 -10.52
N ARG A 150 -3.45 22.45 -10.98
CA ARG A 150 -4.39 23.44 -11.54
C ARG A 150 -5.76 23.44 -10.84
N PHE A 151 -5.85 22.81 -9.68
CA PHE A 151 -7.09 22.77 -8.93
C PHE A 151 -8.24 22.38 -9.84
N ASP A 152 -7.97 21.44 -10.75
CA ASP A 152 -8.91 21.07 -11.79
C ASP A 152 -9.61 19.76 -11.42
N ALA A 153 -10.72 19.88 -10.71
CA ALA A 153 -11.45 18.71 -10.26
C ALA A 153 -12.25 18.01 -11.36
N ASP A 154 -12.26 18.59 -12.56
CA ASP A 154 -12.89 17.93 -13.72
C ASP A 154 -11.96 16.83 -14.22
N LEU A 155 -10.72 17.20 -14.54
CA LEU A 155 -9.70 16.25 -14.94
C LEU A 155 -9.59 15.13 -13.90
N ALA A 156 -9.50 15.55 -12.64
CA ALA A 156 -9.34 14.65 -11.52
C ALA A 156 -10.41 13.61 -11.51
N LEU A 157 -11.64 14.05 -11.81
CA LEU A 157 -12.77 13.11 -11.79
C LEU A 157 -12.58 11.99 -12.80
N SER A 158 -12.11 12.35 -13.99
CA SER A 158 -11.98 11.38 -15.09
C SER A 158 -10.85 10.37 -14.80
N VAL A 159 -9.74 10.86 -14.24
CA VAL A 159 -8.70 9.99 -13.70
C VAL A 159 -9.31 8.92 -12.81
N ALA A 160 -9.98 9.37 -11.77
CA ALA A 160 -10.63 8.44 -10.84
C ALA A 160 -11.55 7.46 -11.55
N GLN A 161 -12.27 7.94 -12.56
CA GLN A 161 -13.16 7.08 -13.31
C GLN A 161 -12.41 6.10 -14.20
N TYR A 162 -11.27 6.52 -14.72
CA TYR A 162 -10.51 5.64 -15.61
C TYR A 162 -9.88 4.45 -14.88
N ASP A 163 -9.84 4.51 -13.54
CA ASP A 163 -9.27 3.46 -12.74
C ASP A 163 -10.10 2.22 -12.87
N LYS A 164 -11.39 2.38 -13.09
CA LYS A 164 -12.29 1.25 -13.31
C LYS A 164 -11.83 0.44 -14.50
N THR A 165 -11.46 1.12 -15.57
CA THR A 165 -11.16 0.41 -16.81
C THR A 165 -9.78 -0.24 -16.66
N VAL A 166 -8.91 0.35 -15.87
CA VAL A 166 -7.61 -0.24 -15.64
C VAL A 166 -7.74 -1.52 -14.82
N ASP A 167 -8.47 -1.48 -13.71
CA ASP A 167 -8.69 -2.70 -12.91
C ASP A 167 -9.35 -3.78 -13.76
N ARG A 168 -10.19 -3.36 -14.68
CA ARG A 168 -10.88 -4.28 -15.59
C ARG A 168 -9.88 -4.96 -16.53
N GLU A 169 -9.02 -4.17 -17.15
CA GLU A 169 -7.94 -4.69 -17.97
C GLU A 169 -7.00 -5.65 -17.20
N TYR A 170 -6.72 -5.34 -15.95
CA TYR A 170 -5.91 -6.19 -15.13
C TYR A 170 -6.57 -7.58 -14.96
N LYS A 171 -7.86 -7.62 -14.65
CA LYS A 171 -8.53 -8.90 -14.41
C LYS A 171 -8.59 -9.76 -15.67
N THR A 172 -8.70 -9.14 -16.85
CA THR A 172 -8.74 -9.92 -18.10
C THR A 172 -7.34 -10.40 -18.47
N ALA A 173 -6.31 -9.61 -18.14
CA ALA A 173 -4.94 -10.07 -18.39
C ALA A 173 -4.59 -11.19 -17.45
N LEU A 174 -5.07 -11.12 -16.20
CA LEU A 174 -4.88 -12.21 -15.25
C LEU A 174 -5.46 -13.51 -15.80
N ARG A 175 -6.68 -13.43 -16.37
CA ARG A 175 -7.38 -14.58 -16.97
C ARG A 175 -6.49 -15.20 -18.01
N GLU A 176 -6.08 -14.37 -18.97
CA GLU A 176 -5.21 -14.84 -20.07
C GLU A 176 -4.00 -15.58 -19.50
N LEU A 177 -3.36 -14.98 -18.50
CA LEU A 177 -2.10 -15.48 -17.97
C LEU A 177 -2.25 -16.71 -17.09
N VAL A 178 -3.26 -16.74 -16.22
CA VAL A 178 -3.50 -17.96 -15.42
C VAL A 178 -3.81 -19.17 -16.35
N THR A 179 -4.75 -19.01 -17.27
CA THR A 179 -5.13 -20.14 -18.15
C THR A 179 -3.91 -20.55 -18.97
N TYR A 180 -3.08 -19.58 -19.35
CA TYR A 180 -1.85 -19.93 -20.04
C TYR A 180 -0.87 -20.73 -19.18
N MET A 181 -0.71 -20.35 -17.91
CA MET A 181 0.15 -21.11 -16.98
C MET A 181 -0.27 -22.58 -16.89
N MET A 182 -1.56 -22.85 -16.99
CA MET A 182 -2.07 -24.19 -16.83
C MET A 182 -1.76 -25.03 -18.08
N GLU A 183 -1.68 -24.37 -19.22
CA GLU A 183 -1.30 -24.98 -20.46
C GLU A 183 0.21 -25.22 -20.55
N ASP A 184 1.02 -24.31 -20.01
CA ASP A 184 2.49 -24.41 -20.10
C ASP A 184 3.10 -24.21 -18.72
N PRO A 185 3.08 -25.25 -17.88
CA PRO A 185 3.57 -25.15 -16.52
C PRO A 185 5.04 -24.75 -16.39
N ARG A 186 5.88 -25.06 -17.38
CA ARG A 186 7.28 -24.63 -17.37
C ARG A 186 7.44 -23.10 -17.30
N ALA A 187 6.40 -22.37 -17.66
CA ALA A 187 6.52 -20.93 -17.74
C ALA A 187 5.97 -20.21 -16.50
N ILE A 188 5.51 -20.95 -15.51
CA ILE A 188 4.88 -20.40 -14.33
C ILE A 188 5.68 -19.30 -13.62
N SER A 189 6.94 -19.59 -13.37
CA SER A 189 7.82 -18.65 -12.72
C SER A 189 7.95 -17.32 -13.52
N ARG A 190 8.01 -17.44 -14.83
CA ARG A 190 8.11 -16.25 -15.66
C ARG A 190 6.77 -15.51 -15.76
N VAL A 191 5.67 -16.25 -15.90
CA VAL A 191 4.35 -15.63 -15.94
C VAL A 191 3.97 -14.95 -14.61
N LEU A 192 4.29 -15.56 -13.48
CA LEU A 192 4.04 -14.96 -12.21
C LEU A 192 4.73 -13.63 -12.10
N ASN A 193 5.94 -13.52 -12.64
CA ASN A 193 6.63 -12.24 -12.63
C ASN A 193 5.88 -11.13 -13.40
N ILE A 194 5.37 -11.43 -14.61
CA ILE A 194 4.50 -10.49 -15.32
C ILE A 194 3.26 -10.14 -14.49
N ILE A 195 2.66 -11.15 -13.86
CA ILE A 195 1.48 -10.96 -13.03
C ILE A 195 1.76 -10.05 -11.82
N TRP A 196 2.87 -10.27 -11.12
CA TRP A 196 3.23 -9.39 -10.04
C TRP A 196 3.47 -7.97 -10.56
N ALA A 197 4.15 -7.83 -11.67
CA ALA A 197 4.37 -6.50 -12.26
C ALA A 197 3.02 -5.81 -12.60
N LEU A 198 2.13 -6.53 -13.27
CA LEU A 198 0.78 -6.01 -13.54
C LEU A 198 0.00 -5.60 -12.29
N ARG A 199 0.13 -6.36 -11.21
CA ARG A 199 -0.52 -6.02 -9.95
C ARG A 199 0.03 -4.72 -9.37
N SER A 200 1.35 -4.56 -9.39
CA SER A 200 1.97 -3.28 -9.07
C SER A 200 1.52 -2.11 -9.99
N LEU A 201 1.39 -2.35 -11.28
CA LEU A 201 0.89 -1.28 -12.15
C LEU A 201 -0.59 -0.89 -11.79
N GLU A 202 -1.40 -1.87 -11.48
CA GLU A 202 -2.76 -1.63 -11.06
C GLU A 202 -2.81 -0.79 -9.78
N ARG A 203 -1.92 -1.10 -8.84
CA ARG A 203 -1.83 -0.33 -7.62
C ARG A 203 -1.36 1.08 -7.89
N ILE A 204 -0.43 1.24 -8.80
CA ILE A 204 -0.02 2.59 -9.18
C ILE A 204 -1.25 3.42 -9.67
N GLY A 205 -2.13 2.79 -10.43
CA GLY A 205 -3.35 3.43 -10.87
C GLY A 205 -4.33 3.68 -9.75
N ASP A 206 -4.45 2.73 -8.82
CA ASP A 206 -5.25 2.96 -7.61
C ASP A 206 -4.77 4.19 -6.85
N HIS A 207 -3.45 4.37 -6.71
CA HIS A 207 -2.91 5.54 -6.00
C HIS A 207 -3.06 6.88 -6.77
N ALA A 208 -2.97 6.83 -8.08
CA ALA A 208 -3.25 8.00 -8.88
C ALA A 208 -4.69 8.45 -8.67
N ARG A 209 -5.60 7.47 -8.61
CA ARG A 209 -7.00 7.70 -8.34
C ARG A 209 -7.20 8.32 -6.99
N ASN A 210 -6.52 7.79 -5.96
CA ASN A 210 -6.60 8.41 -4.62
C ASN A 210 -6.15 9.88 -4.64
N ILE A 211 -5.06 10.17 -5.31
CA ILE A 211 -4.57 11.56 -5.37
C ILE A 211 -5.55 12.46 -6.10
N ALA A 212 -6.26 11.88 -7.07
CA ALA A 212 -7.29 12.61 -7.80
C ALA A 212 -8.45 12.96 -6.87
N GLU A 213 -8.85 12.00 -6.06
CA GLU A 213 -9.95 12.16 -5.13
C GLU A 213 -9.62 13.21 -4.07
N LEU A 214 -8.34 13.32 -3.73
CA LEU A 214 -7.89 14.35 -2.82
C LEU A 214 -8.02 15.73 -3.45
N VAL A 215 -7.80 15.81 -4.76
CA VAL A 215 -7.91 17.06 -5.50
C VAL A 215 -9.38 17.49 -5.57
N ILE A 216 -10.27 16.50 -5.62
CA ILE A 216 -11.70 16.78 -5.62
C ILE A 216 -12.07 17.42 -4.29
N TYR A 217 -11.71 16.71 -3.21
CA TYR A 217 -11.95 17.18 -1.85
C TYR A 217 -11.38 18.57 -1.66
N LEU A 218 -10.16 18.78 -2.11
CA LEU A 218 -9.51 20.08 -2.09
C LEU A 218 -10.38 21.15 -2.76
N VAL A 219 -10.87 20.85 -3.97
CA VAL A 219 -11.54 21.87 -4.78
C VAL A 219 -13.01 22.00 -4.37
N ARG A 220 -13.80 20.92 -4.54
CA ARG A 220 -15.23 20.94 -4.18
C ARG A 220 -15.44 21.22 -2.70
N GLY A 221 -14.42 21.03 -1.89
CA GLY A 221 -14.54 21.23 -0.46
C GLY A 221 -14.87 19.92 0.23
N THR A 222 -15.43 18.97 -0.51
CA THR A 222 -15.81 17.67 0.04
C THR A 222 -15.11 16.53 -0.72
N GLN B 14 -10.99 20.62 24.16
CA GLN B 14 -9.54 20.96 24.03
C GLN B 14 -8.72 19.71 23.65
N PHE B 15 -7.43 19.90 23.40
CA PHE B 15 -6.61 18.89 22.76
C PHE B 15 -6.54 17.58 23.51
N ASN B 16 -6.12 17.61 24.78
CA ASN B 16 -5.96 16.39 25.56
C ASN B 16 -7.20 15.50 25.47
N ALA B 17 -8.36 16.11 25.54
CA ALA B 17 -9.60 15.36 25.56
C ALA B 17 -9.90 14.71 24.21
N GLU B 18 -9.83 15.49 23.14
CA GLU B 18 -10.11 14.94 21.81
C GLU B 18 -8.97 14.02 21.34
N LEU B 19 -7.79 14.20 21.90
CA LEU B 19 -6.69 13.32 21.60
C LEU B 19 -7.02 11.96 22.17
N GLU B 20 -7.49 11.91 23.42
CA GLU B 20 -7.89 10.66 24.02
C GLU B 20 -9.08 10.04 23.29
N ASP B 21 -9.97 10.88 22.81
CA ASP B 21 -11.07 10.38 22.01
C ASP B 21 -10.50 9.66 20.76
N VAL B 22 -9.67 10.35 20.00
CA VAL B 22 -9.18 9.79 18.77
C VAL B 22 -8.30 8.55 19.03
N ARG B 23 -7.48 8.62 20.07
CA ARG B 23 -6.66 7.49 20.48
C ARG B 23 -7.53 6.31 20.88
N SER B 24 -8.66 6.59 21.50
CA SER B 24 -9.54 5.53 21.95
C SER B 24 -10.17 4.76 20.77
N HIS B 25 -10.60 5.48 19.75
CA HIS B 25 -11.11 4.87 18.52
C HIS B 25 -10.02 4.09 17.77
N LEU B 26 -8.79 4.58 17.80
CA LEU B 26 -7.68 3.94 17.12
C LEU B 26 -7.43 2.57 17.72
N LEU B 27 -7.43 2.49 19.05
CA LEU B 27 -7.13 1.25 19.72
C LEU B 27 -8.22 0.19 19.51
N ALA B 28 -9.46 0.61 19.50
CA ALA B 28 -10.56 -0.26 19.16
C ALA B 28 -10.42 -0.77 17.70
N MET B 29 -10.15 0.14 16.78
CA MET B 29 -9.91 -0.26 15.39
C MET B 29 -8.78 -1.30 15.30
N GLY B 30 -7.67 -1.02 15.96
CA GLY B 30 -6.53 -1.92 15.99
C GLY B 30 -6.89 -3.29 16.52
N GLY B 31 -7.79 -3.32 17.48
CA GLY B 31 -8.21 -4.57 18.11
C GLY B 31 -9.02 -5.44 17.18
N LEU B 32 -9.98 -4.84 16.49
CA LEU B 32 -10.73 -5.56 15.48
C LEU B 32 -9.79 -6.08 14.39
N VAL B 33 -8.84 -5.25 13.95
CA VAL B 33 -7.99 -5.63 12.83
C VAL B 33 -7.10 -6.84 13.18
N GLU B 34 -6.51 -6.83 14.37
CA GLU B 34 -5.82 -8.02 14.90
C GLU B 34 -6.69 -9.26 14.90
N LYS B 35 -7.97 -9.09 15.20
CA LYS B 35 -8.84 -10.25 15.26
C LYS B 35 -9.13 -10.74 13.84
N GLN B 36 -9.37 -9.79 12.94
CA GLN B 36 -9.51 -10.07 11.52
C GLN B 36 -8.35 -10.90 10.97
N VAL B 37 -7.12 -10.46 11.23
CA VAL B 37 -5.93 -11.19 10.76
C VAL B 37 -5.88 -12.59 11.34
N ASN B 38 -6.21 -12.69 12.62
CA ASN B 38 -6.18 -13.98 13.31
C ASN B 38 -7.26 -14.88 12.72
N ASP B 39 -8.45 -14.35 12.56
CA ASP B 39 -9.56 -15.10 11.95
C ASP B 39 -9.25 -15.53 10.51
N ALA B 40 -8.60 -14.66 9.76
CA ALA B 40 -8.33 -14.94 8.36
C ALA B 40 -7.25 -16.01 8.18
N VAL B 41 -6.25 -16.02 9.06
CA VAL B 41 -5.20 -17.02 8.95
C VAL B 41 -5.78 -18.34 9.35
N ASN B 42 -6.57 -18.35 10.41
CA ASN B 42 -7.22 -19.56 10.90
C ASN B 42 -8.21 -20.15 9.90
N ALA B 43 -8.94 -19.29 9.20
CA ALA B 43 -9.87 -19.71 8.18
C ALA B 43 -9.17 -20.51 7.09
N LEU B 44 -7.99 -20.04 6.71
CA LEU B 44 -7.23 -20.66 5.65
C LEU B 44 -6.70 -22.00 6.13
N ILE B 45 -6.01 -22.02 7.27
CA ILE B 45 -5.39 -23.25 7.78
C ILE B 45 -6.44 -24.32 8.06
N ASP B 46 -7.55 -23.92 8.68
CA ASP B 46 -8.60 -24.84 9.08
C ASP B 46 -9.66 -25.07 8.03
N ALA B 47 -9.47 -24.52 6.84
CA ALA B 47 -10.49 -24.68 5.81
C ALA B 47 -11.89 -24.32 6.38
N ASP B 48 -12.02 -23.11 6.94
CA ASP B 48 -13.27 -22.73 7.63
C ASP B 48 -13.86 -21.46 7.00
N SER B 49 -14.80 -21.69 6.09
CA SER B 49 -15.40 -20.60 5.34
C SER B 49 -16.32 -19.74 6.18
N GLY B 50 -16.90 -20.29 7.25
CA GLY B 50 -17.71 -19.48 8.15
C GLY B 50 -16.85 -18.42 8.81
N LEU B 51 -15.66 -18.81 9.22
CA LEU B 51 -14.78 -17.89 9.92
C LEU B 51 -14.25 -16.85 8.91
N ALA B 52 -14.01 -17.27 7.68
CA ALA B 52 -13.67 -16.33 6.61
C ALA B 52 -14.78 -15.35 6.39
N GLN B 53 -16.02 -15.80 6.48
CA GLN B 53 -17.16 -14.87 6.36
C GLN B 53 -17.12 -13.76 7.45
N GLN B 54 -16.85 -14.17 8.68
CA GLN B 54 -16.66 -13.23 9.80
C GLN B 54 -15.62 -12.14 9.48
N VAL B 55 -14.47 -12.53 8.94
CA VAL B 55 -13.47 -11.57 8.53
C VAL B 55 -14.05 -10.54 7.60
N ARG B 56 -14.88 -10.97 6.64
CA ARG B 56 -15.35 -10.05 5.61
C ARG B 56 -16.39 -9.09 6.20
N GLU B 57 -17.14 -9.56 7.19
CA GLU B 57 -18.16 -8.74 7.84
C GLU B 57 -17.54 -7.58 8.59
N ILE B 58 -16.53 -7.86 9.40
CA ILE B 58 -15.90 -6.84 10.22
C ILE B 58 -15.33 -5.74 9.30
N ASP B 59 -14.77 -6.16 8.17
CA ASP B 59 -14.11 -5.28 7.23
C ASP B 59 -14.89 -4.00 6.91
N ASP B 60 -16.21 -4.07 6.99
CA ASP B 60 -17.04 -2.88 6.70
C ASP B 60 -16.96 -1.89 7.89
N GLN B 61 -16.83 -2.45 9.09
CA GLN B 61 -16.75 -1.68 10.32
C GLN B 61 -15.39 -0.97 10.39
N ILE B 62 -14.35 -1.74 10.07
CA ILE B 62 -12.99 -1.23 9.91
C ILE B 62 -12.93 -0.04 9.01
N ASN B 63 -13.63 -0.09 7.88
CA ASN B 63 -13.58 1.05 6.99
C ASN B 63 -14.34 2.23 7.53
N GLN B 64 -15.41 1.95 8.28
CA GLN B 64 -16.16 2.98 8.99
C GLN B 64 -15.25 3.66 10.00
N MET B 65 -14.56 2.87 10.81
CA MET B 65 -13.72 3.42 11.87
C MET B 65 -12.68 4.32 11.29
N GLU B 66 -12.11 3.88 10.17
CA GLU B 66 -11.08 4.62 9.46
C GLU B 66 -11.58 5.99 9.04
N ARG B 67 -12.73 6.01 8.40
CA ARG B 67 -13.37 7.26 7.97
C ARG B 67 -13.65 8.16 9.17
N ASN B 68 -14.19 7.59 10.23
CA ASN B 68 -14.50 8.41 11.41
C ASN B 68 -13.20 9.03 11.99
N ILE B 69 -12.23 8.16 12.24
CA ILE B 69 -10.97 8.58 12.82
C ILE B 69 -10.29 9.62 11.96
N ASP B 70 -10.44 9.51 10.67
CA ASP B 70 -9.80 10.47 9.78
C ASP B 70 -10.46 11.87 9.83
N GLU B 71 -11.78 11.89 9.91
CA GLU B 71 -12.55 13.11 10.11
C GLU B 71 -12.17 13.83 11.42
N GLU B 72 -12.05 13.06 12.51
CA GLU B 72 -11.67 13.59 13.82
C GLU B 72 -10.30 14.26 13.74
N CYS B 73 -9.38 13.61 13.03
CA CYS B 73 -8.03 14.16 12.89
C CYS B 73 -8.11 15.51 12.16
N VAL B 74 -8.87 15.55 11.09
CA VAL B 74 -9.04 16.77 10.32
C VAL B 74 -9.73 17.86 11.16
N ARG B 75 -10.73 17.51 11.96
CA ARG B 75 -11.30 18.51 12.83
C ARG B 75 -10.32 19.06 13.85
N ILE B 76 -9.49 18.19 14.41
CA ILE B 76 -8.48 18.61 15.37
C ILE B 76 -7.48 19.55 14.74
N LEU B 77 -7.09 19.26 13.52
CA LEU B 77 -6.25 20.11 12.72
C LEU B 77 -6.91 21.41 12.29
N ALA B 78 -8.22 21.41 12.17
CA ALA B 78 -8.96 22.64 11.98
C ALA B 78 -8.83 23.56 13.17
N ARG B 79 -8.70 23.00 14.35
CA ARG B 79 -9.09 23.77 15.51
C ARG B 79 -8.00 24.69 15.99
N ARG B 80 -6.88 24.16 16.43
CA ARG B 80 -6.09 24.93 17.36
C ARG B 80 -5.12 25.68 16.53
N GLN B 81 -4.10 26.23 17.15
CA GLN B 81 -2.78 26.03 16.60
C GLN B 81 -1.81 25.22 17.43
N PRO B 82 -1.58 24.04 16.91
CA PRO B 82 -0.92 23.03 17.67
C PRO B 82 0.56 23.31 17.68
N ALA B 83 1.26 22.85 18.70
CA ALA B 83 2.68 22.67 18.61
C ALA B 83 3.02 21.64 17.54
N ALA B 84 4.16 21.83 16.95
CA ALA B 84 4.68 20.88 16.00
C ALA B 84 4.53 19.43 16.45
N SER B 85 4.89 19.14 17.70
CA SER B 85 4.96 17.79 18.17
C SER B 85 3.54 17.20 18.17
N ASP B 86 2.54 18.04 18.49
CA ASP B 86 1.14 17.63 18.42
C ASP B 86 0.67 17.38 16.98
N LEU B 87 1.11 18.21 16.04
CA LEU B 87 0.81 18.00 14.63
C LEU B 87 1.34 16.62 14.15
N ARG B 88 2.59 16.37 14.47
CA ARG B 88 3.31 15.12 14.17
C ARG B 88 2.46 13.95 14.63
N LEU B 89 1.99 14.05 15.86
CA LEU B 89 1.21 12.99 16.46
C LEU B 89 -0.11 12.74 15.70
N ILE B 90 -0.83 13.81 15.36
CA ILE B 90 -2.11 13.66 14.70
C ILE B 90 -1.88 13.16 13.27
N ILE B 91 -0.92 13.73 12.58
CA ILE B 91 -0.61 13.27 11.24
C ILE B 91 -0.22 11.80 11.25
N SER B 92 0.57 11.40 12.25
CA SER B 92 0.95 9.99 12.38
C SER B 92 -0.26 9.09 12.72
N ILE B 93 -1.24 9.62 13.45
CA ILE B 93 -2.42 8.82 13.73
C ILE B 93 -3.23 8.59 12.46
N SER B 94 -3.39 9.63 11.66
CA SER B 94 -4.10 9.50 10.42
C SER B 94 -3.38 8.55 9.47
N LYS B 95 -2.07 8.66 9.35
CA LYS B 95 -1.33 7.64 8.59
C LYS B 95 -1.56 6.22 9.08
N SER B 96 -1.60 6.02 10.39
CA SER B 96 -1.58 4.67 10.92
C SER B 96 -2.91 4.00 10.68
N VAL B 97 -4.00 4.78 10.56
CA VAL B 97 -5.30 4.21 10.26
C VAL B 97 -5.41 3.79 8.80
N ILE B 98 -4.66 4.43 7.91
CA ILE B 98 -4.57 3.89 6.54
C ILE B 98 -3.86 2.53 6.53
N ASP B 99 -2.76 2.39 7.28
CA ASP B 99 -2.12 1.11 7.42
C ASP B 99 -3.09 0.06 7.99
N LEU B 100 -3.88 0.43 9.00
CA LEU B 100 -4.79 -0.49 9.62
C LEU B 100 -5.89 -0.92 8.66
N GLU B 101 -6.38 0.01 7.85
CA GLU B 101 -7.33 -0.32 6.83
C GLU B 101 -6.68 -1.24 5.77
N ARG B 102 -5.46 -0.94 5.35
CA ARG B 102 -4.81 -1.84 4.39
C ARG B 102 -4.66 -3.25 4.94
N ILE B 103 -4.27 -3.33 6.20
CA ILE B 103 -4.15 -4.61 6.88
C ILE B 103 -5.50 -5.36 6.85
N GLY B 104 -6.57 -4.64 7.20
CA GLY B 104 -7.92 -5.18 7.19
C GLY B 104 -8.30 -5.69 5.83
N ASP B 105 -7.96 -4.92 4.82
CA ASP B 105 -8.25 -5.32 3.46
C ASP B 105 -7.48 -6.56 3.03
N GLU B 106 -6.21 -6.65 3.45
CA GLU B 106 -5.39 -7.79 3.08
C GLU B 106 -5.89 -9.05 3.81
N ALA B 107 -6.32 -8.87 5.05
CA ALA B 107 -6.98 -9.94 5.77
C ALA B 107 -8.26 -10.44 5.08
N SER B 108 -9.05 -9.53 4.51
CA SER B 108 -10.20 -9.88 3.72
C SER B 108 -9.82 -10.69 2.52
N LYS B 109 -8.70 -10.33 1.87
CA LYS B 109 -8.21 -11.10 0.74
C LYS B 109 -7.80 -12.50 1.13
N VAL B 110 -7.20 -12.63 2.30
CA VAL B 110 -6.80 -13.93 2.79
C VAL B 110 -8.05 -14.78 2.99
N ALA B 111 -9.08 -14.16 3.53
CA ALA B 111 -10.34 -14.83 3.75
C ALA B 111 -10.97 -15.30 2.44
N ARG B 112 -10.95 -14.46 1.43
CA ARG B 112 -11.46 -14.83 0.11
C ARG B 112 -10.73 -16.06 -0.40
N ARG B 113 -9.40 -16.07 -0.29
CA ARG B 113 -8.61 -17.24 -0.67
C ARG B 113 -8.98 -18.48 0.15
N ALA B 114 -9.15 -18.32 1.45
CA ALA B 114 -9.63 -19.42 2.29
C ALA B 114 -10.96 -20.02 1.78
N ILE B 115 -11.88 -19.16 1.34
CA ILE B 115 -13.15 -19.61 0.84
C ILE B 115 -12.94 -20.44 -0.43
N GLN B 116 -12.11 -19.93 -1.34
CA GLN B 116 -11.88 -20.62 -2.61
C GLN B 116 -11.25 -21.97 -2.36
N LEU B 117 -10.32 -22.02 -1.41
CA LEU B 117 -9.69 -23.27 -1.07
C LEU B 117 -10.64 -24.26 -0.45
N CYS B 118 -11.62 -23.78 0.32
CA CYS B 118 -12.62 -24.69 0.85
C CYS B 118 -13.32 -25.39 -0.32
N GLU B 119 -13.57 -24.65 -1.38
CA GLU B 119 -14.24 -25.17 -2.55
C GLU B 119 -13.39 -26.18 -3.30
N GLU B 120 -12.09 -25.90 -3.42
CA GLU B 120 -11.23 -26.72 -4.30
C GLU B 120 -10.68 -27.92 -3.62
N GLY B 121 -10.79 -27.97 -2.29
CA GLY B 121 -10.11 -28.97 -1.49
C GLY B 121 -8.72 -28.47 -1.24
N GLU B 122 -8.02 -29.12 -0.32
CA GLU B 122 -6.82 -28.47 0.19
C GLU B 122 -5.67 -28.61 -0.77
N SER B 123 -4.85 -27.56 -0.82
CA SER B 123 -3.59 -27.57 -1.54
C SER B 123 -2.68 -28.66 -0.96
N PRO B 124 -1.89 -29.28 -1.82
CA PRO B 124 -0.96 -30.30 -1.29
C PRO B 124 0.21 -29.65 -0.54
N ARG B 125 0.35 -28.33 -0.62
CA ARG B 125 1.52 -27.67 -0.09
C ARG B 125 1.18 -26.24 0.31
N GLY B 126 1.91 -25.74 1.29
CA GLY B 126 1.87 -24.34 1.69
C GLY B 126 1.34 -24.01 3.07
N TYR B 127 0.64 -24.93 3.72
CA TYR B 127 -0.06 -24.60 4.96
C TYR B 127 0.90 -24.40 6.08
N VAL B 128 2.02 -25.12 6.06
CA VAL B 128 3.05 -24.94 7.07
C VAL B 128 3.60 -23.52 6.97
N GLU B 129 3.82 -23.02 5.73
CA GLU B 129 4.36 -21.67 5.55
C GLU B 129 3.35 -20.57 5.87
N VAL B 130 2.09 -20.80 5.56
CA VAL B 130 1.02 -19.91 5.95
C VAL B 130 0.87 -19.79 7.46
N ARG B 131 0.90 -20.89 8.17
CA ARG B 131 0.87 -20.84 9.64
C ARG B 131 2.08 -20.06 10.19
N HIS B 132 3.23 -20.36 9.63
CA HIS B 132 4.46 -19.76 10.08
C HIS B 132 4.41 -18.25 9.83
N ILE B 133 4.24 -17.84 8.58
CA ILE B 133 4.25 -16.42 8.23
C ILE B 133 3.07 -15.69 8.84
N GLY B 134 1.94 -16.38 8.90
CA GLY B 134 0.74 -15.83 9.46
C GLY B 134 0.92 -15.49 10.92
N SER B 135 1.58 -16.36 11.68
CA SER B 135 1.66 -16.09 13.12
C SER B 135 2.69 -15.04 13.39
N GLN B 136 3.77 -15.02 12.63
CA GLN B 136 4.73 -13.91 12.75
C GLN B 136 4.17 -12.52 12.45
N VAL B 137 3.34 -12.44 11.43
CA VAL B 137 2.81 -11.19 10.93
C VAL B 137 1.71 -10.72 11.89
N GLN B 138 0.95 -11.66 12.41
CA GLN B 138 -0.01 -11.36 13.46
C GLN B 138 0.67 -10.73 14.69
N LYS B 139 1.77 -11.33 15.10
CA LYS B 139 2.56 -10.83 16.24
C LYS B 139 3.10 -9.42 15.94
N MET B 140 3.59 -9.21 14.71
CA MET B 140 4.09 -7.91 14.29
C MET B 140 3.02 -6.82 14.44
N VAL B 141 1.79 -7.14 14.08
CA VAL B 141 0.68 -6.21 14.21
C VAL B 141 0.41 -5.90 15.67
N GLN B 142 0.35 -6.95 16.51
CA GLN B 142 -0.01 -6.76 17.91
C GLN B 142 1.06 -5.91 18.56
N GLU B 143 2.32 -6.27 18.30
CA GLU B 143 3.41 -5.53 18.90
C GLU B 143 3.48 -4.08 18.35
N ALA B 144 3.24 -3.90 17.05
CA ALA B 144 3.27 -2.56 16.46
C ALA B 144 2.24 -1.69 17.16
N LEU B 145 1.06 -2.25 17.41
CA LEU B 145 -0.03 -1.51 18.06
C LEU B 145 0.23 -1.29 19.53
N ASP B 146 0.78 -2.28 20.20
CA ASP B 146 1.14 -2.11 21.62
C ASP B 146 2.23 -1.02 21.74
N ALA B 147 3.21 -1.06 20.84
CA ALA B 147 4.27 -0.07 20.81
C ALA B 147 3.68 1.32 20.59
N PHE B 148 2.70 1.43 19.71
CA PHE B 148 2.07 2.70 19.46
C PHE B 148 1.31 3.15 20.71
N ALA B 149 0.52 2.25 21.29
CA ALA B 149 -0.26 2.58 22.51
C ALA B 149 0.64 3.08 23.61
N ARG B 150 1.86 2.55 23.74
CA ARG B 150 2.75 2.91 24.85
C ARG B 150 3.95 3.77 24.47
N PHE B 151 3.98 4.26 23.22
CA PHE B 151 5.18 4.89 22.64
C PHE B 151 6.46 4.19 23.06
N ASP B 152 6.52 2.89 22.79
CA ASP B 152 7.70 2.08 23.15
C ASP B 152 8.54 1.89 21.91
N ALA B 153 9.57 2.70 21.77
CA ALA B 153 10.34 2.71 20.56
C ALA B 153 11.25 1.51 20.41
N ASP B 154 11.57 0.83 21.53
CA ASP B 154 12.45 -0.37 21.46
C ASP B 154 11.69 -1.49 20.78
N LEU B 155 10.50 -1.75 21.29
CA LEU B 155 9.57 -2.66 20.68
C LEU B 155 9.28 -2.30 19.21
N ALA B 156 8.96 -1.05 18.93
CA ALA B 156 8.75 -0.61 17.54
C ALA B 156 9.89 -0.99 16.61
N LEU B 157 11.12 -0.70 17.03
CA LEU B 157 12.30 -0.98 16.22
C LEU B 157 12.51 -2.48 16.00
N SER B 158 12.24 -3.28 17.01
CA SER B 158 12.26 -4.73 16.90
C SER B 158 11.23 -5.24 15.85
N VAL B 159 10.04 -4.65 15.85
CA VAL B 159 9.03 -4.99 14.84
C VAL B 159 9.49 -4.66 13.43
N ALA B 160 9.94 -3.42 13.22
CA ALA B 160 10.33 -2.95 11.88
C ALA B 160 11.44 -3.80 11.27
N GLN B 161 12.36 -4.19 12.12
CA GLN B 161 13.53 -4.96 11.70
C GLN B 161 13.18 -6.41 11.43
N TYR B 162 12.17 -6.96 12.10
CA TYR B 162 11.72 -8.32 11.83
C TYR B 162 11.09 -8.50 10.44
N ASP B 163 10.66 -7.42 9.81
CA ASP B 163 10.00 -7.55 8.50
C ASP B 163 10.87 -8.22 7.44
N LYS B 164 12.15 -7.85 7.43
CA LYS B 164 13.17 -8.47 6.58
C LYS B 164 13.21 -9.99 6.69
N THR B 165 13.02 -10.53 7.89
CA THR B 165 13.02 -11.98 8.00
C THR B 165 11.72 -12.58 7.39
N VAL B 166 10.60 -11.91 7.57
CA VAL B 166 9.35 -12.33 6.91
C VAL B 166 9.49 -12.32 5.38
N ASP B 167 10.10 -11.29 4.82
CA ASP B 167 10.24 -11.18 3.38
C ASP B 167 11.12 -12.30 2.85
N ARG B 168 12.18 -12.60 3.61
CA ARG B 168 13.10 -13.71 3.31
C ARG B 168 12.34 -15.02 3.34
N GLU B 169 11.57 -15.27 4.40
CA GLU B 169 10.79 -16.49 4.49
C GLU B 169 9.75 -16.59 3.37
N TYR B 170 9.04 -15.49 3.10
CA TYR B 170 8.16 -15.44 1.93
C TYR B 170 8.90 -15.83 0.62
N LYS B 171 10.04 -15.25 0.34
CA LYS B 171 10.75 -15.57 -0.91
C LYS B 171 11.14 -17.04 -1.02
N THR B 172 11.58 -17.68 0.07
CA THR B 172 11.90 -19.10 0.00
C THR B 172 10.62 -19.94 -0.14
N ALA B 173 9.56 -19.56 0.55
CA ALA B 173 8.28 -20.28 0.36
C ALA B 173 7.77 -20.26 -1.10
N LEU B 174 7.86 -19.11 -1.73
CA LEU B 174 7.41 -18.93 -3.09
C LEU B 174 8.18 -19.82 -4.09
N ARG B 175 9.50 -19.74 -4.04
CA ARG B 175 10.39 -20.59 -4.85
C ARG B 175 9.98 -22.05 -4.80
N GLU B 176 9.86 -22.58 -3.58
CA GLU B 176 9.45 -23.97 -3.37
C GLU B 176 8.03 -24.27 -3.83
N LEU B 177 7.10 -23.33 -3.67
CA LEU B 177 5.72 -23.58 -4.17
C LEU B 177 5.64 -23.54 -5.70
N VAL B 178 6.38 -22.64 -6.32
CA VAL B 178 6.49 -22.62 -7.78
C VAL B 178 7.04 -23.91 -8.39
N THR B 179 8.20 -24.33 -7.90
CA THR B 179 8.80 -25.56 -8.38
C THR B 179 7.84 -26.73 -8.15
N TYR B 180 7.16 -26.74 -7.01
CA TYR B 180 6.13 -27.76 -6.80
C TYR B 180 5.01 -27.72 -7.86
N MET B 181 4.56 -26.54 -8.25
CA MET B 181 3.47 -26.44 -9.22
C MET B 181 3.88 -27.01 -10.59
N MET B 182 5.16 -26.92 -10.91
CA MET B 182 5.71 -27.52 -12.12
C MET B 182 5.86 -29.03 -12.01
N GLU B 183 6.13 -29.53 -10.80
CA GLU B 183 6.15 -30.97 -10.56
C GLU B 183 4.75 -31.53 -10.60
N ASP B 184 3.74 -30.72 -10.28
CA ASP B 184 2.37 -31.20 -10.24
C ASP B 184 1.35 -30.14 -10.68
N PRO B 185 1.19 -29.99 -12.01
CA PRO B 185 0.37 -28.95 -12.65
C PRO B 185 -1.10 -28.96 -12.25
N ARG B 186 -1.58 -30.09 -11.76
CA ARG B 186 -2.97 -30.20 -11.37
C ARG B 186 -3.25 -29.38 -10.09
N ALA B 187 -2.21 -29.07 -9.33
CA ALA B 187 -2.37 -28.32 -8.09
C ALA B 187 -2.29 -26.81 -8.31
N ILE B 188 -2.16 -26.38 -9.55
CA ILE B 188 -1.86 -24.98 -9.86
C ILE B 188 -2.82 -24.02 -9.20
N SER B 189 -4.09 -24.30 -9.35
CA SER B 189 -5.15 -23.42 -8.87
C SER B 189 -5.17 -23.30 -7.33
N ARG B 190 -4.98 -24.42 -6.66
CA ARG B 190 -4.92 -24.43 -5.23
C ARG B 190 -3.63 -23.75 -4.75
N VAL B 191 -2.51 -24.05 -5.38
CA VAL B 191 -1.26 -23.46 -4.92
C VAL B 191 -1.23 -21.95 -5.17
N LEU B 192 -1.74 -21.48 -6.29
CA LEU B 192 -1.85 -20.05 -6.54
C LEU B 192 -2.63 -19.33 -5.43
N ASN B 193 -3.65 -20.01 -4.88
CA ASN B 193 -4.40 -19.40 -3.80
C ASN B 193 -3.56 -19.22 -2.55
N ILE B 194 -2.72 -20.22 -2.24
CA ILE B 194 -1.81 -20.14 -1.10
C ILE B 194 -0.86 -18.99 -1.35
N ILE B 195 -0.33 -18.94 -2.55
CA ILE B 195 0.60 -17.86 -2.90
C ILE B 195 -0.04 -16.45 -2.75
N TRP B 196 -1.29 -16.30 -3.21
CA TRP B 196 -1.96 -15.01 -3.10
C TRP B 196 -2.14 -14.63 -1.63
N ALA B 197 -2.56 -15.62 -0.81
CA ALA B 197 -2.71 -15.41 0.61
C ALA B 197 -1.40 -15.00 1.25
N LEU B 198 -0.30 -15.68 0.87
CA LEU B 198 1.03 -15.33 1.37
C LEU B 198 1.45 -13.94 1.00
N ARG B 199 1.15 -13.54 -0.23
CA ARG B 199 1.34 -12.15 -0.66
C ARG B 199 0.63 -11.14 0.26
N SER B 200 -0.59 -11.42 0.64
CA SER B 200 -1.33 -10.55 1.55
C SER B 200 -0.71 -10.48 2.91
N LEU B 201 -0.27 -11.63 3.43
CA LEU B 201 0.38 -11.70 4.75
C LEU B 201 1.69 -10.88 4.79
N GLU B 202 2.49 -11.02 3.76
CA GLU B 202 3.72 -10.26 3.64
C GLU B 202 3.39 -8.76 3.65
N ARG B 203 2.33 -8.41 2.96
CA ARG B 203 1.84 -7.05 2.96
C ARG B 203 1.36 -6.56 4.32
N ILE B 204 0.71 -7.42 5.06
CA ILE B 204 0.31 -7.10 6.43
C ILE B 204 1.53 -6.78 7.26
N GLY B 205 2.59 -7.55 7.07
CA GLY B 205 3.90 -7.32 7.74
C GLY B 205 4.52 -5.98 7.39
N ASP B 206 4.47 -5.57 6.14
CA ASP B 206 4.96 -4.24 5.78
C ASP B 206 4.16 -3.14 6.49
N HIS B 207 2.85 -3.33 6.61
CA HIS B 207 2.02 -2.33 7.25
C HIS B 207 2.21 -2.24 8.73
N ALA B 208 2.56 -3.35 9.39
CA ALA B 208 2.90 -3.32 10.79
C ALA B 208 4.22 -2.65 10.98
N ARG B 209 5.16 -2.97 10.08
CA ARG B 209 6.43 -2.27 10.03
C ARG B 209 6.20 -0.75 9.88
N ASN B 210 5.36 -0.32 8.94
CA ASN B 210 5.03 1.12 8.83
C ASN B 210 4.52 1.76 10.14
N ILE B 211 3.64 1.07 10.86
CA ILE B 211 3.11 1.61 12.10
C ILE B 211 4.24 1.72 13.13
N ALA B 212 5.08 0.69 13.24
CA ALA B 212 6.19 0.72 14.18
C ALA B 212 7.13 1.89 13.84
N GLU B 213 7.37 2.10 12.57
CA GLU B 213 8.21 3.23 12.16
C GLU B 213 7.66 4.60 12.46
N LEU B 214 6.34 4.74 12.49
CA LEU B 214 5.75 5.99 12.98
C LEU B 214 6.09 6.22 14.46
N VAL B 215 6.10 5.14 15.23
CA VAL B 215 6.43 5.24 16.65
C VAL B 215 7.89 5.71 16.82
N ILE B 216 8.81 5.10 16.10
CA ILE B 216 10.21 5.47 16.16
C ILE B 216 10.39 6.95 15.84
N TYR B 217 9.80 7.38 14.74
CA TYR B 217 9.78 8.79 14.36
C TYR B 217 9.22 9.74 15.40
N LEU B 218 8.10 9.39 16.02
CA LEU B 218 7.48 10.23 17.03
C LEU B 218 8.35 10.31 18.28
N VAL B 219 8.98 9.20 18.67
CA VAL B 219 9.83 9.18 19.86
C VAL B 219 11.23 9.72 19.62
N ARG B 220 11.86 9.33 18.54
CA ARG B 220 13.29 9.61 18.36
C ARG B 220 13.55 10.65 17.30
N GLY B 221 12.51 11.16 16.65
CA GLY B 221 12.70 12.21 15.67
C GLY B 221 12.87 11.62 14.27
N THR B 222 13.83 10.72 14.12
CA THR B 222 14.15 10.15 12.80
C THR B 222 14.55 8.66 12.89
#